data_2CY9
#
_entry.id   2CY9
#
_cell.length_a   66.522
_cell.length_b   90.195
_cell.length_c   61.210
_cell.angle_alpha   90.00
_cell.angle_beta   118.32
_cell.angle_gamma   90.00
#
_symmetry.space_group_name_H-M   'C 1 2 1'
#
loop_
_entity.id
_entity.type
_entity.pdbx_description
1 polymer 'Thioesterase superfamily member 2'
2 water water
#
_entity_poly.entity_id   1
_entity_poly.type   'polypeptide(L)'
_entity_poly.pdbx_seq_one_letter_code
;(MSE)SS(MSE)TQNLREV(MSE)KV(MSE)FKVPGFDRVLEKVTLVSAAPEKLICE(MSE)KVEEQHTNKLGTLHGGLT
ATLVDSIST(MSE)AL(MSE)CTERGAPGVSVD(MSE)NITY(MSE)SPAKIGEEIVITAHILKQGKTLAFASVDLTNKT
TGKLIAQGRHTKHLGN
;
_entity_poly.pdbx_strand_id   A,B
#
# COMPACT_ATOMS: atom_id res chain seq x y z
N LYS A 13 -5.12 -2.85 24.24
CA LYS A 13 -5.71 -1.55 24.98
C LYS A 13 -7.25 -1.28 25.10
N VAL A 14 -7.68 -1.04 26.40
CA VAL A 14 -9.11 -1.20 26.85
C VAL A 14 -9.95 0.17 27.09
N MSE A 15 -11.24 0.14 26.63
CA MSE A 15 -12.00 1.32 26.06
C MSE A 15 -13.29 1.08 25.10
O MSE A 15 -14.65 1.33 25.29
CB MSE A 15 -11.04 2.18 25.14
CG MSE A 15 -10.79 1.72 23.69
SE MSE A 15 -9.15 2.22 23.19
CE MSE A 15 -7.95 0.79 23.47
N PHE A 16 -12.71 0.68 23.95
CA PHE A 16 -13.40 0.33 22.77
C PHE A 16 -14.26 1.48 22.24
N LYS A 17 -13.72 2.08 21.16
CA LYS A 17 -14.39 2.26 19.84
C LYS A 17 -15.92 2.41 20.10
N VAL A 18 -16.16 3.39 20.98
CA VAL A 18 -17.50 3.56 21.42
C VAL A 18 -18.30 4.74 20.70
N PRO A 19 -17.62 5.46 19.72
CA PRO A 19 -18.37 6.08 18.57
C PRO A 19 -19.21 5.04 17.70
N GLY A 20 -20.44 4.70 18.06
CA GLY A 20 -21.04 3.66 17.27
C GLY A 20 -22.53 3.70 17.28
N PHE A 21 -23.14 4.88 17.59
CA PHE A 21 -24.59 5.06 17.48
C PHE A 21 -25.22 6.23 16.67
N ASP A 22 -25.92 5.81 15.61
CA ASP A 22 -26.47 6.61 14.44
C ASP A 22 -25.88 7.06 12.95
N VAL A 24 -25.22 6.17 9.90
CA VAL A 24 -23.94 5.36 9.22
C VAL A 24 -22.85 4.96 10.23
N LEU A 25 -22.98 3.68 10.53
CA LEU A 25 -22.53 2.98 11.84
C LEU A 25 -23.04 1.43 11.81
N GLU A 26 -21.98 0.73 11.30
CA GLU A 26 -21.92 -0.63 11.35
C GLU A 26 -20.79 -1.07 12.27
N LYS A 27 -20.40 -0.40 13.28
CA LYS A 27 -19.85 -1.23 14.36
C LYS A 27 -20.75 -2.49 14.87
N VAL A 28 -20.10 -3.62 14.53
CA VAL A 28 -20.42 -5.04 14.65
C VAL A 28 -18.91 -5.55 14.70
N THR A 29 -18.05 -4.61 15.08
CA THR A 29 -16.65 -4.79 15.10
C THR A 29 -15.86 -4.59 16.46
N LEU A 30 -14.71 -5.27 16.72
CA LEU A 30 -14.24 -5.61 18.05
C LEU A 30 -12.88 -4.83 18.36
N VAL A 31 -11.72 -5.52 18.59
CA VAL A 31 -10.41 -4.80 18.77
C VAL A 31 -8.88 -5.40 19.21
N SER A 32 -7.89 -4.53 18.92
CA SER A 32 -6.65 -4.55 19.63
C SER A 32 -5.60 -3.49 19.31
N ALA A 33 -5.35 -2.57 20.24
CA ALA A 33 -4.83 -1.12 20.05
C ALA A 33 -3.42 -0.95 20.53
N ALA A 34 -2.55 -0.63 19.59
CA ALA A 34 -1.23 -0.24 19.98
C ALA A 34 -0.89 1.30 19.69
N PRO A 35 0.35 1.84 19.75
CA PRO A 35 0.70 3.11 18.97
C PRO A 35 0.90 2.99 17.37
N GLU A 36 0.09 3.76 16.63
CA GLU A 36 0.20 4.00 15.16
C GLU A 36 -0.20 2.64 14.51
N LYS A 37 -1.22 2.00 15.10
CA LYS A 37 -1.58 0.59 14.68
C LYS A 37 -2.90 0.02 15.39
N LEU A 38 -3.76 -0.84 14.80
CA LEU A 38 -5.12 -0.80 15.25
C LEU A 38 -6.03 -1.87 14.78
N ILE A 39 -5.78 -3.00 15.40
CA ILE A 39 -6.58 -4.11 15.03
C ILE A 39 -8.00 -4.20 15.47
N CYS A 40 -8.80 -4.60 14.59
CA CYS A 40 -10.23 -4.85 14.79
C CYS A 40 -10.68 -6.16 13.99
N GLU A 41 -11.98 -6.42 13.94
CA GLU A 41 -12.59 -7.78 13.43
C GLU A 41 -14.09 -7.79 13.30
N MSE A 42 -14.60 -8.47 12.36
CA MSE A 42 -15.90 -8.37 12.02
C MSE A 42 -16.18 -9.74 11.19
O MSE A 42 -15.26 -10.48 10.73
CB MSE A 42 -16.25 -6.99 11.42
CG MSE A 42 -17.48 -7.07 10.75
SE MSE A 42 -18.07 -5.92 9.54
CE MSE A 42 -18.49 -6.97 8.14
N LYS A 43 -17.51 -10.12 11.29
CA LYS A 43 -18.08 -11.49 10.91
C LYS A 43 -19.07 -11.04 9.92
N VAL A 44 -18.91 -11.57 8.74
CA VAL A 44 -19.68 -11.02 7.69
C VAL A 44 -21.17 -11.59 7.77
N GLU A 45 -22.06 -10.65 7.82
CA GLU A 45 -23.44 -11.01 7.94
C GLU A 45 -24.21 -10.46 6.82
N GLU A 46 -25.29 -11.11 6.75
CA GLU A 46 -26.27 -10.75 5.77
C GLU A 46 -26.38 -9.18 5.39
N GLN A 47 -26.60 -8.36 6.42
CA GLN A 47 -26.71 -6.92 6.19
C GLN A 47 -25.43 -6.29 5.43
N HIS A 48 -24.22 -6.86 5.79
CA HIS A 48 -22.89 -6.46 5.38
C HIS A 48 -22.67 -6.79 4.04
N THR A 49 -23.30 -7.74 3.51
CA THR A 49 -23.00 -8.24 2.14
C THR A 49 -23.67 -7.58 0.93
N ASN A 50 -23.32 -7.96 -0.29
CA ASN A 50 -23.90 -7.32 -1.48
C ASN A 50 -24.83 -8.34 -2.33
N LYS A 51 -25.35 -7.94 -3.44
CA LYS A 51 -25.93 -8.97 -4.38
C LYS A 51 -25.27 -10.40 -4.19
N LEU A 52 -24.01 -10.55 -3.75
CA LEU A 52 -23.48 -11.90 -3.64
C LEU A 52 -22.87 -12.37 -2.45
N GLY A 53 -23.35 -12.07 -1.39
CA GLY A 53 -22.76 -12.98 -0.51
C GLY A 53 -21.50 -12.55 0.09
N THR A 54 -20.83 -11.47 -0.47
CA THR A 54 -19.40 -11.14 -0.24
C THR A 54 -19.58 -9.78 0.07
N LEU A 55 -19.05 -9.30 1.17
CA LEU A 55 -19.36 -7.90 1.51
C LEU A 55 -18.92 -6.79 0.66
N HIS A 56 -19.67 -5.76 0.25
CA HIS A 56 -19.06 -5.05 -0.92
C HIS A 56 -18.38 -3.88 -0.23
N GLY A 57 -17.80 -3.15 -1.15
CA GLY A 57 -16.65 -2.46 -0.66
C GLY A 57 -17.17 -1.12 -0.35
N GLY A 58 -18.47 -0.91 -0.67
CA GLY A 58 -19.31 -0.04 0.11
C GLY A 58 -18.84 -0.18 1.59
N LEU A 59 -18.97 -1.40 2.10
CA LEU A 59 -18.81 -1.56 3.54
C LEU A 59 -17.31 -1.32 3.82
N THR A 60 -16.52 -2.10 3.05
CA THR A 60 -15.07 -2.10 3.12
C THR A 60 -14.54 -0.65 3.15
N ALA A 61 -14.91 0.16 2.22
CA ALA A 61 -14.54 1.51 2.20
C ALA A 61 -14.81 2.18 3.48
N THR A 62 -16.05 2.49 3.65
CA THR A 62 -16.49 2.96 5.00
C THR A 62 -15.71 2.38 6.21
N LEU A 63 -15.27 1.14 6.07
CA LEU A 63 -14.54 0.47 7.14
C LEU A 63 -13.14 0.91 7.28
N VAL A 64 -12.60 1.36 6.15
CA VAL A 64 -11.24 1.83 5.97
C VAL A 64 -11.31 3.24 6.37
N ASP A 65 -12.37 3.91 5.97
CA ASP A 65 -12.60 5.35 6.44
C ASP A 65 -12.48 5.40 7.95
N SER A 66 -13.54 4.93 8.61
CA SER A 66 -13.38 4.80 9.98
C SER A 66 -12.43 3.69 10.36
N ILE A 67 -11.80 3.75 11.49
CA ILE A 67 -10.75 2.73 11.85
C ILE A 67 -9.51 3.18 11.22
N SER A 68 -9.35 4.45 11.22
CA SER A 68 -8.31 4.98 10.44
C SER A 68 -8.50 6.25 11.07
N THR A 69 -9.64 6.79 10.82
CA THR A 69 -10.03 7.87 11.60
C THR A 69 -10.21 7.58 13.09
N MSE A 70 -10.92 6.52 13.34
CA MSE A 70 -10.89 5.85 14.64
C MSE A 70 -9.48 5.81 15.07
O MSE A 70 -9.30 6.18 16.14
CB MSE A 70 -11.50 4.37 14.65
CG MSE A 70 -12.16 3.72 15.98
SE MSE A 70 -13.73 4.81 16.53
CE MSE A 70 -12.64 5.66 18.04
N ALA A 71 -8.52 5.22 14.34
CA ALA A 71 -7.17 4.90 14.92
C ALA A 71 -6.33 6.11 15.04
N LEU A 72 -7.00 7.21 15.22
CA LEU A 72 -6.37 8.42 14.92
C LEU A 72 -6.76 9.51 15.79
N MSE A 73 -8.02 9.41 16.14
CA MSE A 73 -8.52 10.07 17.36
C MSE A 73 -7.86 9.56 18.76
O MSE A 73 -8.01 10.19 19.87
CB MSE A 73 -10.03 10.03 17.33
CG MSE A 73 -10.71 8.71 17.20
SE MSE A 73 -12.56 9.07 16.93
CE MSE A 73 -12.94 8.55 18.64
N CYS A 74 -7.00 8.53 18.67
CA CYS A 74 -6.11 8.20 19.78
C CYS A 74 -4.81 8.95 19.82
N THR A 75 -4.04 8.93 18.78
CA THR A 75 -2.70 9.72 18.74
C THR A 75 -2.53 10.84 19.80
N PRO A 80 -8.05 13.44 14.80
CA PRO A 80 -9.47 13.08 13.95
C PRO A 80 -9.63 14.11 12.80
N GLY A 81 -9.63 13.75 11.53
CA GLY A 81 -9.78 14.94 10.64
C GLY A 81 -10.93 14.80 9.65
N VAL A 82 -10.87 15.54 8.55
CA VAL A 82 -11.81 15.27 7.53
C VAL A 82 -11.19 14.54 6.42
N SER A 83 -11.92 13.62 5.87
CA SER A 83 -11.38 13.06 4.72
C SER A 83 -10.97 14.10 3.60
N VAL A 84 -9.96 13.52 2.81
CA VAL A 84 -9.26 14.15 1.65
C VAL A 84 -9.15 13.30 0.30
N ASP A 85 -8.44 12.19 0.41
CA ASP A 85 -8.30 11.21 -0.49
C ASP A 85 -8.34 9.83 0.19
N MSE A 86 -8.77 8.77 -0.58
CA MSE A 86 -8.95 7.38 -0.12
C MSE A 86 -8.99 6.58 -1.32
O MSE A 86 -9.52 6.99 -2.32
CB MSE A 86 -10.21 7.19 0.66
CG MSE A 86 -10.60 5.72 0.78
SE MSE A 86 -11.45 5.21 2.45
CE MSE A 86 -12.74 6.12 1.92
N ASN A 87 -8.41 5.41 -1.22
CA ASN A 87 -8.38 4.53 -2.39
C ASN A 87 -8.36 3.16 -1.91
N ILE A 88 -8.97 2.24 -2.66
CA ILE A 88 -9.16 0.82 -2.18
C ILE A 88 -8.95 -0.17 -3.37
N THR A 89 -8.25 -1.24 -3.11
CA THR A 89 -8.03 -2.20 -4.01
C THR A 89 -8.43 -3.45 -3.27
N TYR A 90 -9.30 -4.13 -4.02
CA TYR A 90 -9.89 -5.37 -3.61
C TYR A 90 -9.28 -6.64 -4.35
N MSE A 91 -8.95 -7.68 -3.60
CA MSE A 91 -8.29 -8.71 -4.10
C MSE A 91 -8.83 -10.07 -3.67
O MSE A 91 -8.56 -11.05 -4.34
CB MSE A 91 -6.81 -8.40 -4.18
CG MSE A 91 -5.90 -8.62 -3.16
SE MSE A 91 -4.68 -7.18 -3.07
CE MSE A 91 -5.78 -6.25 -1.96
N SER A 92 -9.83 -10.19 -2.83
CA SER A 92 -10.33 -11.49 -2.40
C SER A 92 -11.72 -11.16 -1.89
N PRO A 93 -12.68 -12.00 -2.24
CA PRO A 93 -14.01 -11.84 -1.67
C PRO A 93 -14.07 -12.24 -0.19
N ALA A 94 -15.04 -11.64 0.49
CA ALA A 94 -15.34 -12.26 1.75
C ALA A 94 -16.75 -12.65 1.83
N LYS A 95 -16.91 -13.98 2.06
CA LYS A 95 -18.21 -14.57 2.22
C LYS A 95 -19.03 -14.45 3.63
N ILE A 96 -20.30 -14.59 3.46
CA ILE A 96 -21.12 -14.32 4.53
C ILE A 96 -20.73 -15.37 5.57
N GLY A 97 -20.33 -15.08 6.78
CA GLY A 97 -20.06 -16.22 7.55
C GLY A 97 -18.67 -16.26 7.85
N GLU A 98 -17.74 -15.69 7.04
CA GLU A 98 -16.21 -15.39 7.32
C GLU A 98 -15.90 -14.41 8.33
N GLU A 99 -14.93 -14.73 9.06
CA GLU A 99 -14.53 -13.66 9.96
C GLU A 99 -13.13 -13.12 9.61
N ILE A 100 -13.15 -11.84 9.62
CA ILE A 100 -12.14 -10.98 8.97
C ILE A 100 -11.50 -10.15 10.03
N VAL A 101 -10.20 -9.72 9.83
CA VAL A 101 -9.48 -8.71 10.64
C VAL A 101 -9.02 -7.50 9.85
N ILE A 102 -8.91 -6.41 10.57
CA ILE A 102 -8.70 -5.19 10.02
C ILE A 102 -7.63 -4.33 10.70
N THR A 103 -6.46 -4.23 10.03
CA THR A 103 -5.31 -3.59 10.56
C THR A 103 -5.11 -2.22 9.99
N ALA A 104 -5.01 -1.25 10.86
CA ALA A 104 -4.78 0.14 10.58
C ALA A 104 -3.38 0.50 11.22
N HIS A 105 -2.70 1.44 10.52
CA HIS A 105 -1.25 1.83 10.77
C HIS A 105 -1.16 3.31 10.41
N ILE A 106 -1.00 4.14 11.43
CA ILE A 106 -0.72 5.52 11.07
C ILE A 106 0.58 5.52 10.37
N LEU A 107 0.62 5.98 9.16
CA LEU A 107 1.90 6.07 8.38
C LEU A 107 2.74 7.43 8.64
N LYS A 108 1.97 8.52 8.72
CA LYS A 108 2.50 9.81 8.87
C LYS A 108 1.60 10.57 9.72
N GLN A 109 2.11 11.36 10.68
CA GLN A 109 1.15 12.33 11.34
C GLN A 109 1.29 13.80 11.29
N GLY A 110 2.20 14.24 10.58
CA GLY A 110 2.16 15.58 10.18
C GLY A 110 1.15 16.68 10.49
N LYS A 111 1.58 17.92 10.25
CA LYS A 111 1.06 19.15 10.75
C LYS A 111 -0.30 19.37 10.26
N THR A 112 -0.63 18.92 9.10
CA THR A 112 -1.87 19.61 8.52
C THR A 112 -2.55 18.44 7.97
N LEU A 113 -1.72 17.36 7.77
CA LEU A 113 -2.10 16.12 7.21
C LEU A 113 -1.44 14.96 7.89
N ALA A 114 -2.33 13.86 7.91
CA ALA A 114 -2.03 12.56 8.28
C ALA A 114 -2.58 11.49 7.34
N PHE A 115 -1.78 10.39 7.28
CA PHE A 115 -1.75 9.29 6.35
C PHE A 115 -1.75 7.94 7.04
N ALA A 116 -2.55 7.04 6.45
CA ALA A 116 -2.95 5.78 7.15
C ALA A 116 -3.32 4.80 6.22
N SER A 117 -3.02 3.63 6.54
CA SER A 117 -3.06 2.52 5.65
C SER A 117 -3.63 1.18 6.32
N VAL A 118 -4.71 0.81 5.76
CA VAL A 118 -5.43 -0.25 6.32
C VAL A 118 -5.27 -1.38 5.41
N ASP A 119 -5.22 -2.54 6.03
CA ASP A 119 -5.29 -3.90 5.53
C ASP A 119 -6.46 -4.72 6.19
N LEU A 120 -7.29 -5.27 5.37
CA LEU A 120 -8.36 -6.15 5.66
C LEU A 120 -8.01 -7.55 5.06
N THR A 121 -7.61 -8.47 5.94
CA THR A 121 -7.51 -9.93 5.72
C THR A 121 -8.55 -10.94 6.20
N ASN A 122 -8.42 -12.16 5.78
CA ASN A 122 -9.41 -13.10 6.22
C ASN A 122 -8.67 -13.78 7.28
N LYS A 123 -9.22 -13.84 8.46
CA LYS A 123 -8.61 -14.48 9.64
C LYS A 123 -8.39 -15.95 9.48
N THR A 124 -9.45 -16.62 9.08
CA THR A 124 -9.34 -18.03 8.99
C THR A 124 -8.20 -18.22 7.93
N THR A 125 -8.50 -17.72 6.75
CA THR A 125 -7.52 -17.97 5.64
C THR A 125 -6.01 -17.49 5.81
N GLY A 126 -5.79 -16.38 6.55
CA GLY A 126 -4.77 -15.32 6.39
C GLY A 126 -5.00 -14.29 5.22
N LYS A 127 -5.80 -14.75 4.23
CA LYS A 127 -5.69 -14.19 2.93
C LYS A 127 -6.26 -12.80 2.85
N LEU A 128 -5.51 -11.89 2.20
CA LEU A 128 -5.79 -10.61 1.90
C LEU A 128 -6.92 -10.41 0.94
N ILE A 129 -7.88 -9.60 1.44
CA ILE A 129 -9.19 -9.27 0.87
C ILE A 129 -8.98 -7.91 0.21
N ALA A 130 -8.74 -6.88 0.90
CA ALA A 130 -8.58 -5.62 0.30
C ALA A 130 -7.57 -4.83 1.10
N GLN A 131 -7.26 -3.60 0.60
CA GLN A 131 -6.06 -2.84 1.08
C GLN A 131 -6.32 -1.59 0.47
N GLY A 132 -6.24 -0.59 1.27
CA GLY A 132 -6.75 0.77 0.95
C GLY A 132 -5.89 1.77 1.91
N ARG A 133 -5.62 3.04 1.48
CA ARG A 133 -4.79 4.11 2.09
C ARG A 133 -5.72 5.22 2.23
N HIS A 134 -5.39 6.13 3.13
CA HIS A 134 -6.42 7.14 3.32
C HIS A 134 -5.79 8.32 3.94
N THR A 135 -6.16 9.49 3.51
CA THR A 135 -5.59 10.68 3.93
C THR A 135 -6.62 11.56 4.48
N LYS A 136 -6.25 12.25 5.52
CA LYS A 136 -7.24 13.20 5.99
C LYS A 136 -6.55 14.35 6.29
N HIS A 137 -7.36 15.36 6.36
CA HIS A 137 -6.94 16.70 6.68
C HIS A 137 -7.18 17.20 8.16
N LEU A 138 -6.04 17.61 8.82
CA LEU A 138 -6.09 18.13 10.19
C LEU A 138 -6.05 19.68 10.25
N GLY A 139 -7.11 20.21 10.89
CA GLY A 139 -7.50 21.62 10.64
C GLY A 139 -8.33 22.10 9.35
N MSE B 1 20.57 -21.66 -4.50
CA MSE B 1 20.82 -22.35 -5.87
C MSE B 1 20.17 -21.52 -6.82
O MSE B 1 19.96 -22.03 -7.94
CB MSE B 1 20.18 -23.71 -6.19
CG MSE B 1 21.05 -24.89 -6.02
SE MSE B 1 22.79 -24.80 -5.68
CE MSE B 1 23.12 -25.86 -6.65
N SER B 2 19.83 -20.32 -6.46
CA SER B 2 19.19 -19.57 -7.52
C SER B 2 19.61 -18.20 -7.66
N SER B 3 19.81 -17.82 -8.85
CA SER B 3 20.63 -16.61 -8.65
C SER B 3 19.73 -15.58 -9.16
N MSE B 4 18.57 -15.37 -8.39
CA MSE B 4 17.45 -14.53 -8.88
C MSE B 4 17.84 -13.01 -8.72
O MSE B 4 17.57 -12.12 -9.58
CB MSE B 4 16.15 -14.96 -8.16
CG MSE B 4 14.82 -14.16 -8.54
SE MSE B 4 13.28 -14.72 -7.67
CE MSE B 4 12.79 -15.97 -8.73
N THR B 5 18.51 -12.74 -7.62
CA THR B 5 18.93 -11.50 -7.41
C THR B 5 19.95 -11.04 -8.37
N GLN B 6 21.02 -11.89 -8.63
CA GLN B 6 22.00 -11.73 -9.74
C GLN B 6 21.34 -11.58 -11.12
N ASN B 7 20.52 -12.52 -11.40
CA ASN B 7 19.78 -12.58 -12.63
C ASN B 7 18.84 -11.46 -13.00
N LEU B 8 18.42 -10.74 -11.99
CA LEU B 8 17.48 -9.66 -12.28
C LEU B 8 18.28 -8.49 -12.51
N ARG B 9 19.36 -8.39 -11.77
CA ARG B 9 20.37 -7.46 -11.99
C ARG B 9 20.82 -7.42 -13.44
N GLU B 10 21.04 -8.51 -14.13
CA GLU B 10 21.12 -8.33 -15.56
C GLU B 10 19.91 -8.03 -16.41
N VAL B 11 18.83 -8.80 -16.35
CA VAL B 11 17.61 -8.34 -17.08
C VAL B 11 17.45 -6.76 -16.84
N MSE B 12 17.54 -6.23 -15.63
CA MSE B 12 17.20 -4.85 -15.43
C MSE B 12 18.16 -4.03 -16.30
O MSE B 12 17.70 -3.18 -17.13
CB MSE B 12 17.36 -4.50 -13.98
CG MSE B 12 16.14 -4.95 -13.04
SE MSE B 12 16.24 -4.60 -11.29
CE MSE B 12 16.62 -2.86 -11.22
N LYS B 13 19.51 -4.25 -16.05
CA LYS B 13 20.61 -3.40 -16.63
C LYS B 13 20.49 -3.42 -18.25
N VAL B 14 20.10 -4.53 -18.86
CA VAL B 14 19.70 -4.52 -20.20
C VAL B 14 18.58 -3.60 -20.41
N MSE B 15 17.43 -3.74 -19.75
CA MSE B 15 16.27 -2.95 -20.19
C MSE B 15 16.15 -1.54 -19.72
O MSE B 15 15.31 -0.77 -20.09
CB MSE B 15 15.01 -3.72 -19.99
CG MSE B 15 15.00 -4.56 -18.67
SE MSE B 15 13.52 -5.84 -18.38
CE MSE B 15 13.30 -5.94 -20.37
N PHE B 16 17.04 -1.10 -18.91
CA PHE B 16 17.15 0.27 -18.68
C PHE B 16 18.35 0.93 -19.53
N GLY B 20 14.45 4.15 -24.79
CA GLY B 20 13.17 3.82 -24.03
C GLY B 20 12.87 4.74 -22.88
N PHE B 21 11.71 4.70 -22.21
CA PHE B 21 11.53 5.67 -21.14
C PHE B 21 12.23 5.08 -20.02
N ASP B 22 12.15 3.79 -19.88
CA ASP B 22 12.73 3.08 -18.63
C ASP B 22 14.38 3.33 -18.37
N ARG B 23 14.86 3.89 -19.44
CA ARG B 23 16.29 4.30 -19.51
C ARG B 23 16.41 5.42 -18.54
N VAL B 24 15.31 6.00 -17.99
CA VAL B 24 15.49 6.97 -16.92
C VAL B 24 15.84 6.41 -15.58
N LEU B 25 16.00 5.08 -15.55
CA LEU B 25 16.18 4.47 -14.25
C LEU B 25 17.56 3.87 -14.14
N GLU B 26 18.64 4.59 -14.38
CA GLU B 26 19.89 3.91 -14.77
C GLU B 26 20.60 3.94 -13.50
N LYS B 27 20.42 4.98 -12.75
CA LYS B 27 21.19 5.04 -11.52
C LYS B 27 20.58 4.09 -10.39
N VAL B 28 19.88 3.04 -10.85
CA VAL B 28 19.09 2.32 -9.97
C VAL B 28 19.61 0.98 -9.68
N THR B 29 19.96 0.68 -8.47
CA THR B 29 20.38 -0.61 -8.08
C THR B 29 19.29 -1.59 -7.56
N LEU B 30 19.44 -2.82 -7.80
CA LEU B 30 18.73 -3.90 -7.17
C LEU B 30 19.58 -4.46 -6.01
N VAL B 31 19.11 -4.44 -4.73
CA VAL B 31 19.79 -5.06 -3.72
C VAL B 31 19.32 -6.51 -3.44
N SER B 32 18.11 -6.85 -3.85
CA SER B 32 17.57 -8.14 -3.42
C SER B 32 16.27 -8.43 -4.14
N ALA B 33 16.12 -9.68 -4.62
CA ALA B 33 15.06 -10.23 -5.46
C ALA B 33 14.63 -11.63 -4.91
N ALA B 34 13.60 -11.59 -4.08
CA ALA B 34 12.83 -12.68 -3.56
C ALA B 34 11.78 -13.07 -4.61
N PRO B 35 11.04 -14.10 -4.37
CA PRO B 35 9.99 -14.47 -5.29
C PRO B 35 8.81 -13.71 -5.00
N GLU B 36 8.57 -13.06 -3.84
CA GLU B 36 7.53 -11.94 -3.75
C GLU B 36 7.82 -10.52 -3.31
N LYS B 37 8.87 -10.33 -2.64
CA LYS B 37 9.45 -9.01 -2.25
C LYS B 37 10.76 -8.65 -3.21
N LEU B 38 10.86 -7.39 -3.49
CA LEU B 38 11.99 -6.94 -4.19
C LEU B 38 12.58 -5.72 -3.66
N ILE B 39 13.88 -5.72 -3.49
CA ILE B 39 14.51 -4.46 -3.01
C ILE B 39 15.48 -3.86 -3.99
N CYS B 40 15.40 -2.56 -4.00
CA CYS B 40 16.15 -1.65 -4.73
C CYS B 40 16.59 -0.43 -3.96
N GLU B 41 17.73 0.15 -4.37
CA GLU B 41 18.13 1.57 -3.91
C GLU B 41 18.49 2.58 -4.93
N MSE B 42 18.47 3.83 -4.65
CA MSE B 42 18.82 4.73 -5.65
C MSE B 42 19.14 6.04 -4.88
O MSE B 42 18.34 6.68 -4.29
CB MSE B 42 17.73 4.80 -6.66
CG MSE B 42 17.25 6.38 -7.00
SE MSE B 42 16.75 7.02 -8.78
CE MSE B 42 16.75 5.59 -9.69
N LYS B 43 20.36 6.51 -4.93
CA LYS B 43 20.67 7.95 -4.52
C LYS B 43 20.05 8.98 -5.46
N VAL B 44 19.10 9.72 -4.93
CA VAL B 44 18.56 10.82 -5.72
C VAL B 44 19.63 11.88 -6.16
N GLU B 45 19.70 12.01 -7.50
CA GLU B 45 20.65 12.88 -8.28
C GLU B 45 19.92 14.27 -8.33
N GLU B 46 19.63 14.74 -9.53
CA GLU B 46 19.24 16.12 -9.77
C GLU B 46 18.55 16.03 -11.14
N GLN B 47 18.92 15.15 -12.07
CA GLN B 47 18.06 14.81 -13.19
C GLN B 47 16.64 13.94 -12.86
N HIS B 48 16.68 13.24 -11.69
CA HIS B 48 15.55 12.78 -10.78
C HIS B 48 14.71 13.92 -10.15
N THR B 49 15.23 15.04 -9.87
CA THR B 49 14.54 16.08 -9.24
C THR B 49 13.51 17.00 -9.89
N ASN B 50 12.63 17.42 -8.97
CA ASN B 50 11.52 18.23 -9.09
C ASN B 50 11.80 19.52 -9.52
N LYS B 51 10.80 20.37 -9.51
CA LYS B 51 10.97 21.85 -9.43
C LYS B 51 11.62 22.39 -8.10
N LEU B 52 11.55 21.68 -7.06
CA LEU B 52 12.02 22.31 -5.92
C LEU B 52 13.18 21.54 -5.51
N GLY B 53 13.82 20.61 -6.28
CA GLY B 53 14.95 19.87 -5.68
C GLY B 53 14.68 18.61 -4.91
N THR B 54 13.42 18.29 -4.67
CA THR B 54 13.16 16.98 -4.13
C THR B 54 12.96 16.11 -5.23
N LEU B 55 12.85 14.83 -4.91
CA LEU B 55 12.57 13.84 -5.98
C LEU B 55 11.19 14.08 -6.73
N HIS B 56 11.23 13.99 -7.96
CA HIS B 56 10.11 14.29 -8.74
C HIS B 56 9.00 13.21 -8.60
N GLY B 57 7.79 13.81 -8.51
CA GLY B 57 6.53 12.99 -8.60
C GLY B 57 6.38 11.92 -9.56
N GLY B 58 6.88 12.20 -10.77
CA GLY B 58 6.77 11.20 -11.90
C GLY B 58 7.72 10.14 -11.93
N LEU B 59 8.72 10.45 -11.27
CA LEU B 59 9.75 9.47 -11.41
C LEU B 59 9.38 8.59 -10.22
N THR B 60 8.91 9.25 -9.13
CA THR B 60 8.57 8.37 -8.13
C THR B 60 7.43 7.45 -8.66
N ALA B 61 6.52 7.95 -9.43
CA ALA B 61 5.62 6.83 -10.02
C ALA B 61 6.23 6.00 -10.78
N THR B 62 7.26 6.47 -11.67
CA THR B 62 8.07 5.48 -12.70
C THR B 62 8.76 4.50 -11.93
N LEU B 63 9.16 4.85 -10.71
CA LEU B 63 9.91 3.82 -10.04
C LEU B 63 8.84 2.71 -9.56
N VAL B 64 7.58 3.06 -9.27
CA VAL B 64 6.51 2.14 -8.75
C VAL B 64 6.17 1.34 -9.87
N ASP B 65 5.69 1.93 -10.99
CA ASP B 65 5.45 1.00 -12.25
C ASP B 65 6.52 0.00 -12.45
N SER B 66 7.80 0.46 -12.46
CA SER B 66 8.75 -0.45 -13.15
C SER B 66 9.16 -1.44 -12.16
N ILE B 67 9.40 -0.94 -11.04
CA ILE B 67 9.97 -1.92 -10.11
C ILE B 67 9.05 -2.92 -9.58
N SER B 68 7.76 -2.54 -9.27
CA SER B 68 6.71 -3.59 -9.13
C SER B 68 6.54 -4.46 -10.36
N THR B 69 6.67 -3.98 -11.56
CA THR B 69 6.70 -4.92 -12.69
C THR B 69 7.85 -5.74 -12.65
N MSE B 70 9.07 -5.28 -12.26
CA MSE B 70 10.38 -6.20 -12.24
C MSE B 70 9.95 -7.37 -11.45
O MSE B 70 10.24 -8.49 -11.73
CB MSE B 70 11.72 -5.59 -11.56
CG MSE B 70 12.44 -4.50 -12.43
SE MSE B 70 12.40 -5.09 -14.50
CE MSE B 70 13.25 -6.49 -14.06
N ALA B 71 9.33 -7.00 -10.33
CA ALA B 71 8.90 -7.92 -9.26
C ALA B 71 8.06 -9.07 -9.74
N LEU B 72 7.10 -8.65 -10.54
CA LEU B 72 6.35 -9.54 -11.29
C LEU B 72 6.96 -10.50 -12.08
N MSE B 73 8.26 -10.46 -12.30
CA MSE B 73 8.91 -11.38 -13.36
C MSE B 73 9.63 -12.60 -12.77
O MSE B 73 9.71 -13.66 -13.40
CB MSE B 73 9.82 -10.63 -14.23
CG MSE B 73 9.15 -9.65 -15.38
SE MSE B 73 10.84 -8.78 -16.30
CE MSE B 73 10.97 -7.23 -15.56
N CYS B 74 10.01 -12.40 -11.48
CA CYS B 74 10.47 -13.42 -10.49
C CYS B 74 9.66 -14.70 -10.35
N THR B 75 8.41 -14.49 -10.01
CA THR B 75 7.53 -15.62 -9.86
C THR B 75 6.95 -16.07 -11.23
N GLU B 76 6.38 -17.30 -11.29
CA GLU B 76 5.49 -17.70 -12.31
C GLU B 76 5.04 -16.64 -13.40
N PRO B 80 4.33 -10.17 -16.06
CA PRO B 80 4.82 -8.75 -16.56
C PRO B 80 3.65 -7.61 -16.60
N GLY B 81 2.78 -7.77 -17.61
CA GLY B 81 1.47 -7.24 -17.78
C GLY B 81 1.23 -5.91 -18.30
N VAL B 82 -0.05 -5.49 -18.11
CA VAL B 82 -0.15 -4.08 -18.41
C VAL B 82 -0.80 -3.38 -17.30
N SER B 83 -0.62 -2.10 -17.31
CA SER B 83 -1.05 -1.42 -16.21
C SER B 83 -2.58 -1.33 -16.30
N VAL B 84 -3.14 -1.39 -15.10
CA VAL B 84 -4.57 -1.11 -14.89
C VAL B 84 -4.80 0.19 -14.17
N ASP B 85 -4.22 0.12 -13.00
CA ASP B 85 -4.34 1.36 -12.17
C ASP B 85 -3.18 1.50 -11.39
N MSE B 86 -2.99 2.70 -11.10
CA MSE B 86 -2.02 3.05 -10.03
C MSE B 86 -2.44 4.20 -9.08
O MSE B 86 -2.87 5.39 -9.46
CB MSE B 86 -0.67 3.51 -10.67
CG MSE B 86 0.67 3.64 -9.71
SE MSE B 86 2.19 4.52 -10.71
CE MSE B 86 2.47 3.03 -11.26
N ASN B 87 -2.00 4.02 -7.89
CA ASN B 87 -2.25 5.28 -6.97
C ASN B 87 -1.02 5.48 -6.15
N ILE B 88 -0.76 6.70 -5.82
CA ILE B 88 0.56 6.91 -5.02
C ILE B 88 0.45 8.09 -4.03
N THR B 89 1.00 8.00 -2.80
CA THR B 89 0.78 9.06 -1.85
C THR B 89 1.97 9.65 -1.26
N TYR B 90 2.01 10.94 -1.03
CA TYR B 90 3.45 11.41 -0.79
C TYR B 90 3.63 11.98 0.57
N MSE B 91 4.49 11.39 1.39
CA MSE B 91 4.44 11.81 2.81
C MSE B 91 5.57 12.77 3.29
O MSE B 91 5.35 13.36 4.33
CB MSE B 91 4.18 10.69 3.90
CG MSE B 91 4.34 9.15 3.71
SE MSE B 91 2.75 8.47 3.50
CE MSE B 91 3.06 7.63 2.25
N SER B 92 6.67 12.92 2.51
CA SER B 92 8.05 13.39 2.83
C SER B 92 8.91 13.42 1.44
N PRO B 93 9.75 14.49 1.35
CA PRO B 93 10.59 14.90 0.18
C PRO B 93 11.84 14.16 0.25
N ALA B 94 12.28 13.69 -0.89
CA ALA B 94 13.53 13.06 -0.91
C ALA B 94 14.55 14.07 -1.49
N LYS B 95 15.42 14.64 -0.69
CA LYS B 95 16.32 15.63 -1.25
C LYS B 95 17.61 15.11 -2.14
N ILE B 96 18.30 16.01 -2.78
CA ILE B 96 19.51 15.67 -3.60
C ILE B 96 20.64 15.21 -2.73
N GLY B 97 21.27 14.16 -3.19
CA GLY B 97 22.16 13.43 -2.34
C GLY B 97 21.63 12.26 -1.59
N GLU B 98 20.30 12.10 -1.49
CA GLU B 98 19.62 11.13 -0.58
C GLU B 98 19.72 9.79 -1.11
N GLU B 99 19.96 8.80 -0.28
CA GLU B 99 19.84 7.55 -0.87
C GLU B 99 18.58 6.86 -0.40
N ILE B 100 17.73 6.50 -1.37
CA ILE B 100 16.40 5.88 -1.21
C ILE B 100 16.35 4.41 -1.52
N VAL B 101 15.83 3.70 -0.59
CA VAL B 101 15.35 2.25 -0.85
C VAL B 101 13.87 2.06 -1.30
N ILE B 102 13.78 1.22 -2.24
CA ILE B 102 12.48 1.19 -2.81
C ILE B 102 12.19 -0.25 -2.65
N THR B 103 11.10 -0.57 -1.93
CA THR B 103 10.67 -1.95 -1.84
C THR B 103 9.20 -2.38 -2.34
N ALA B 104 9.15 -3.50 -3.02
CA ALA B 104 8.01 -4.06 -3.62
C ALA B 104 7.49 -5.42 -3.11
N HIS B 105 6.18 -5.37 -3.06
CA HIS B 105 5.40 -6.47 -2.49
C HIS B 105 4.33 -6.92 -3.38
N ILE B 106 4.46 -8.09 -3.86
CA ILE B 106 3.30 -8.68 -4.54
C ILE B 106 2.26 -9.17 -3.56
N LEU B 107 1.22 -8.39 -3.37
CA LEU B 107 0.01 -8.62 -2.53
C LEU B 107 -0.87 -9.77 -3.06
N LYS B 108 -0.96 -9.85 -4.36
CA LYS B 108 -1.70 -10.75 -5.09
C LYS B 108 -1.32 -11.25 -6.54
N GLN B 109 -1.37 -12.59 -6.55
CA GLN B 109 -1.52 -13.67 -7.57
C GLN B 109 -2.71 -13.53 -8.61
N GLY B 110 -3.74 -14.32 -8.76
CA GLY B 110 -4.70 -13.94 -9.79
C GLY B 110 -4.59 -14.63 -11.11
N LYS B 111 -5.69 -14.99 -11.70
CA LYS B 111 -5.73 -15.64 -13.06
C LYS B 111 -5.49 -14.54 -14.15
N THR B 112 -6.12 -13.38 -14.08
CA THR B 112 -5.69 -12.36 -14.94
C THR B 112 -5.21 -11.04 -14.33
N LEU B 113 -5.21 -10.90 -13.05
CA LEU B 113 -4.75 -9.62 -12.51
C LEU B 113 -3.72 -9.91 -11.36
N ALA B 114 -2.83 -8.95 -11.19
CA ALA B 114 -1.72 -9.00 -10.14
C ALA B 114 -1.62 -7.69 -9.43
N PHE B 115 -1.31 -7.68 -8.14
CA PHE B 115 -1.41 -6.37 -7.47
C PHE B 115 -0.19 -6.34 -6.71
N ALA B 116 0.35 -5.15 -6.56
CA ALA B 116 1.53 -4.99 -5.72
C ALA B 116 1.58 -3.73 -5.09
N SER B 117 2.20 -3.67 -3.96
CA SER B 117 2.40 -2.45 -3.22
C SER B 117 3.92 -2.05 -3.25
N VAL B 118 4.21 -0.74 -3.19
CA VAL B 118 5.58 -0.28 -3.10
C VAL B 118 5.76 0.96 -2.21
N ASP B 119 6.86 0.86 -1.46
CA ASP B 119 7.16 1.86 -0.49
C ASP B 119 8.61 2.43 -0.78
N LEU B 120 8.70 3.74 -0.75
CA LEU B 120 10.02 4.39 -0.79
C LEU B 120 10.36 4.88 0.50
N THR B 121 11.44 4.34 0.93
CA THR B 121 12.06 4.72 2.21
C THR B 121 13.41 5.51 2.03
N ASN B 122 13.67 6.45 2.97
CA ASN B 122 14.99 6.89 3.27
C ASN B 122 15.90 5.85 3.64
N LYS B 123 16.98 5.60 2.87
CA LYS B 123 17.90 4.63 3.30
C LYS B 123 18.29 4.88 4.77
N THR B 124 18.77 6.00 5.16
CA THR B 124 19.15 6.16 6.56
C THR B 124 18.16 6.48 7.59
N THR B 125 17.23 7.43 7.40
CA THR B 125 16.14 7.67 8.35
C THR B 125 15.36 6.36 8.39
N GLY B 126 14.97 5.68 7.34
CA GLY B 126 14.09 4.58 7.53
C GLY B 126 12.71 5.10 7.14
N LYS B 127 12.62 6.39 7.30
CA LYS B 127 11.47 7.20 7.13
C LYS B 127 10.76 7.03 5.77
N LEU B 128 9.38 7.09 5.72
CA LEU B 128 8.54 7.00 4.49
C LEU B 128 8.53 8.25 3.59
N ILE B 129 8.46 7.93 2.35
CA ILE B 129 8.43 8.89 1.30
C ILE B 129 7.24 8.64 0.52
N ALA B 130 6.80 7.40 0.12
CA ALA B 130 5.71 7.48 -0.61
C ALA B 130 4.79 6.29 -0.89
N GLN B 131 5.06 5.06 -0.56
CA GLN B 131 3.78 4.19 -0.67
C GLN B 131 2.95 4.30 -1.94
N GLY B 132 2.84 3.26 -2.63
CA GLY B 132 2.20 3.35 -3.86
C GLY B 132 1.56 2.02 -3.97
N ARG B 133 0.47 1.97 -4.81
CA ARG B 133 -0.24 0.68 -5.16
C ARG B 133 -0.60 0.60 -6.62
N HIS B 134 -0.31 -0.54 -7.17
CA HIS B 134 -0.22 -0.75 -8.67
C HIS B 134 -0.87 -2.10 -9.07
N THR B 135 -1.83 -2.03 -9.97
CA THR B 135 -2.62 -3.03 -10.43
C THR B 135 -2.33 -3.22 -11.87
N LYS B 136 -1.99 -4.38 -12.19
CA LYS B 136 -1.83 -4.77 -13.53
C LYS B 136 -2.64 -5.96 -14.01
N HIS B 137 -2.94 -5.84 -15.26
CA HIS B 137 -3.56 -6.93 -15.98
C HIS B 137 -2.70 -7.96 -16.72
N LEU B 138 -2.85 -9.22 -16.50
CA LEU B 138 -1.86 -10.15 -17.00
C LEU B 138 -2.11 -10.59 -18.48
N GLY B 139 -2.01 -9.47 -19.30
CA GLY B 139 -2.17 -9.29 -20.78
C GLY B 139 -0.79 -9.58 -21.37
#